data_7YB7
#
_entry.id   7YB7
#
_cell.length_a   104.761
_cell.length_b   104.788
_cell.length_c   111.525
_cell.angle_alpha   90.00
_cell.angle_beta   90.00
_cell.angle_gamma   90.00
#
_symmetry.space_group_name_H-M   'C 2 2 21'
#
loop_
_entity.id
_entity.type
_entity.pdbx_description
1 polymer 'Apoptosis regulator Bcl-2,Bcl-2-like protein 1'
2 polymer 'cp2 peptide'
3 non-polymer N-(2-acetamidoethyl)-4-(4,5-dihydro-1,3-thiazol-2-yl)benzamide
4 water water
#
loop_
_entity_poly.entity_id
_entity_poly.type
_entity_poly.pdbx_seq_one_letter_code
_entity_poly.pdbx_strand_id
1 'polypeptide(L)'
;MDNREIVMKYISYKLSQRGYEWDAGDVEENRTEAPEGTESEVVHQTLRQAGDDFSLRYRRDFAEMSSQLHLTPGTAYASF
ATVVEELFRDGVNWGRIVAFFEFGGVMCVESVNREMSVLVDNIAAWMATYLNDHLHTWIQDNGGWDAFVELYG
;
A,B
2 'polypeptide(L)' APIRYEWDEFC C,D
#
# COMPACT_ATOMS: atom_id res chain seq x y z
N ASP A 2 12.08 -2.62 -15.94
CA ASP A 2 11.34 -2.90 -14.65
C ASP A 2 11.03 -1.57 -13.95
N ASN A 3 9.74 -1.32 -13.71
CA ASN A 3 9.24 -0.05 -13.16
C ASN A 3 9.61 0.09 -11.70
N ARG A 4 9.50 -0.97 -10.90
CA ARG A 4 9.99 -1.00 -9.51
C ARG A 4 11.45 -0.47 -9.48
N GLU A 5 12.34 -0.98 -10.33
CA GLU A 5 13.78 -0.66 -10.30
C GLU A 5 13.99 0.81 -10.70
N ILE A 6 13.27 1.31 -11.71
CA ILE A 6 13.39 2.76 -12.07
C ILE A 6 12.97 3.60 -10.88
N VAL A 7 11.90 3.20 -10.19
CA VAL A 7 11.43 3.96 -8.98
C VAL A 7 12.52 3.90 -7.89
N MET A 8 12.95 2.70 -7.54
CA MET A 8 13.89 2.48 -6.42
C MET A 8 15.18 3.25 -6.68
N LYS A 9 15.71 3.18 -7.89
CA LYS A 9 16.98 3.89 -8.21
C LYS A 9 16.78 5.40 -8.15
N TYR A 10 15.63 5.90 -8.60
CA TYR A 10 15.39 7.37 -8.55
C TYR A 10 15.35 7.83 -7.07
N ILE A 11 14.59 7.13 -6.26
CA ILE A 11 14.40 7.52 -4.85
C ILE A 11 15.76 7.43 -4.13
N SER A 12 16.45 6.30 -4.31
CA SER A 12 17.77 6.05 -3.67
C SER A 12 18.69 7.22 -3.96
N TYR A 13 18.65 7.68 -5.22
CA TYR A 13 19.46 8.83 -5.64
C TYR A 13 18.99 10.13 -4.95
N LYS A 14 17.68 10.43 -4.92
CA LYS A 14 17.26 11.71 -4.27
C LYS A 14 17.70 11.67 -2.79
N LEU A 15 17.61 10.51 -2.14
CA LEU A 15 17.97 10.43 -0.70
C LEU A 15 19.50 10.52 -0.51
N SER A 16 20.32 9.88 -1.37
CA SER A 16 21.82 9.95 -1.30
C SER A 16 22.30 11.40 -1.49
N GLN A 17 21.63 12.21 -2.32
CA GLN A 17 21.98 13.63 -2.51
C GLN A 17 21.83 14.41 -1.20
N ARG A 18 21.04 13.92 -0.23
CA ARG A 18 20.81 14.63 1.04
C ARG A 18 21.67 14.00 2.14
N GLY A 19 22.41 12.93 1.83
CA GLY A 19 23.22 12.18 2.80
C GLY A 19 22.47 11.05 3.46
N TYR A 20 21.32 10.66 2.92
CA TYR A 20 20.49 9.59 3.54
C TYR A 20 20.59 8.34 2.69
N GLU A 21 20.99 7.23 3.32
CA GLU A 21 21.17 5.91 2.67
C GLU A 21 19.86 5.12 2.70
N TRP A 22 19.32 4.79 1.53
CA TRP A 22 18.16 3.88 1.43
C TRP A 22 18.39 2.90 0.25
N GLU A 39 20.94 0.44 -23.13
CA GLU A 39 21.32 0.07 -21.74
C GLU A 39 20.35 0.73 -20.75
N SER A 40 19.91 -0.05 -19.76
CA SER A 40 19.01 0.45 -18.70
C SER A 40 19.77 1.51 -17.90
N GLU A 41 21.12 1.44 -17.80
CA GLU A 41 21.89 2.43 -17.01
C GLU A 41 21.71 3.84 -17.61
N VAL A 42 21.63 3.97 -18.94
CA VAL A 42 21.47 5.28 -19.62
C VAL A 42 20.09 5.88 -19.25
N VAL A 43 19.06 5.06 -19.14
CA VAL A 43 17.69 5.52 -18.74
C VAL A 43 17.79 6.11 -17.32
N HIS A 44 18.32 5.36 -16.35
CA HIS A 44 18.41 5.84 -14.94
C HIS A 44 19.21 7.15 -14.88
N GLN A 45 20.31 7.18 -15.62
CA GLN A 45 21.24 8.33 -15.62
C GLN A 45 20.53 9.55 -16.24
N THR A 46 19.85 9.40 -17.36
CA THR A 46 19.14 10.51 -18.05
C THR A 46 17.98 10.97 -17.17
N LEU A 47 17.26 10.06 -16.56
CA LEU A 47 16.15 10.47 -15.64
C LEU A 47 16.72 11.28 -14.45
N ARG A 48 17.84 10.86 -13.84
CA ARG A 48 18.47 11.59 -12.70
C ARG A 48 18.81 13.02 -13.19
N GLN A 49 19.36 13.15 -14.37
CA GLN A 49 19.88 14.46 -14.84
C GLN A 49 18.69 15.37 -15.16
N ALA A 50 17.64 14.82 -15.79
CA ALA A 50 16.44 15.62 -16.14
C ALA A 50 15.74 16.08 -14.86
N GLY A 51 15.59 15.20 -13.88
CA GLY A 51 14.93 15.60 -12.63
C GLY A 51 15.72 16.66 -11.87
N ASP A 52 17.05 16.50 -11.82
CA ASP A 52 17.94 17.51 -11.19
C ASP A 52 17.76 18.86 -11.92
N ASP A 53 17.76 18.82 -13.24
CA ASP A 53 17.54 20.02 -14.09
C ASP A 53 16.17 20.61 -13.75
N PHE A 54 15.14 19.75 -13.70
CA PHE A 54 13.76 20.23 -13.54
C PHE A 54 13.64 20.90 -12.19
N SER A 55 14.26 20.36 -11.14
CA SER A 55 14.07 20.90 -9.76
C SER A 55 14.61 22.34 -9.69
N LEU A 56 15.62 22.70 -10.48
CA LEU A 56 16.17 24.08 -10.57
C LEU A 56 15.25 24.93 -11.46
N ARG A 57 15.02 24.52 -12.70
CA ARG A 57 14.29 25.34 -13.71
C ARG A 57 12.80 25.50 -13.33
N TYR A 58 12.16 24.51 -12.70
CA TYR A 58 10.68 24.54 -12.60
C TYR A 58 10.29 24.54 -11.11
N ARG A 59 11.13 25.18 -10.33
CA ARG A 59 10.95 25.49 -8.89
C ARG A 59 9.51 25.94 -8.63
N ARG A 60 8.98 26.86 -9.41
CA ARG A 60 7.60 27.39 -9.20
C ARG A 60 6.58 26.25 -9.31
N ASP A 61 6.62 25.45 -10.37
CA ASP A 61 5.60 24.38 -10.52
C ASP A 61 5.75 23.38 -9.38
N PHE A 62 6.97 23.02 -8.96
CA PHE A 62 7.13 22.02 -7.85
C PHE A 62 6.65 22.61 -6.51
N ALA A 63 6.90 23.89 -6.24
CA ALA A 63 6.41 24.59 -5.01
C ALA A 63 4.89 24.55 -4.97
N GLU A 64 4.16 24.83 -6.07
CA GLU A 64 2.67 24.71 -6.12
C GLU A 64 2.22 23.26 -5.85
N MET A 65 2.93 22.26 -6.39
CA MET A 65 2.58 20.83 -6.18
C MET A 65 2.74 20.47 -4.70
N SER A 66 3.82 20.88 -4.07
CA SER A 66 4.14 20.48 -2.68
C SER A 66 3.54 21.46 -1.67
N SER A 67 2.75 22.46 -2.09
CA SER A 67 2.30 23.56 -1.20
C SER A 67 1.25 23.01 -0.21
N GLN A 68 0.27 22.24 -0.66
CA GLN A 68 -0.74 21.68 0.27
C GLN A 68 -0.42 20.19 0.53
N LEU A 69 0.71 19.92 1.18
CA LEU A 69 1.13 18.52 1.49
C LEU A 69 0.77 18.22 2.96
N HIS A 70 1.37 18.91 3.93
CA HIS A 70 1.28 18.58 5.39
C HIS A 70 1.37 17.05 5.58
N LEU A 71 2.51 16.49 5.20
CA LEU A 71 2.82 15.05 5.14
C LEU A 71 2.68 14.43 6.53
N THR A 72 1.76 13.49 6.68
CA THR A 72 1.70 12.55 7.83
C THR A 72 1.48 11.17 7.27
N PRO A 73 1.73 10.10 8.03
CA PRO A 73 1.50 8.75 7.54
C PRO A 73 0.05 8.52 7.08
N GLY A 74 -0.89 9.14 7.73
CA GLY A 74 -2.33 8.95 7.51
C GLY A 74 -2.86 9.72 6.31
N THR A 75 -2.19 10.79 5.86
CA THR A 75 -2.68 11.66 4.78
C THR A 75 -1.79 11.50 3.53
N ALA A 76 -0.67 10.78 3.64
CA ALA A 76 0.33 10.71 2.57
C ALA A 76 -0.29 10.10 1.31
N TYR A 77 -0.98 8.99 1.42
CA TYR A 77 -1.53 8.31 0.23
C TYR A 77 -2.37 9.30 -0.59
N ALA A 78 -3.29 9.99 0.09
CA ALA A 78 -4.23 10.93 -0.53
C ALA A 78 -3.45 12.12 -1.08
N SER A 79 -2.41 12.58 -0.40
CA SER A 79 -1.64 13.73 -0.90
C SER A 79 -0.97 13.32 -2.21
N PHE A 80 -0.41 12.12 -2.25
CA PHE A 80 0.29 11.65 -3.47
C PHE A 80 -0.73 11.48 -4.59
N ALA A 81 -1.84 10.79 -4.33
CA ALA A 81 -2.90 10.52 -5.34
C ALA A 81 -3.45 11.85 -5.88
N THR A 82 -3.62 12.86 -5.04
CA THR A 82 -4.21 14.16 -5.43
C THR A 82 -3.26 14.88 -6.41
N VAL A 83 -1.97 14.89 -6.12
CA VAL A 83 -0.97 15.62 -6.94
C VAL A 83 -0.81 14.90 -8.25
N VAL A 84 -0.72 13.56 -8.23
CA VAL A 84 -0.44 12.80 -9.45
C VAL A 84 -1.70 12.79 -10.34
N GLU A 85 -2.89 12.70 -9.77
CA GLU A 85 -4.13 12.81 -10.56
C GLU A 85 -4.17 14.19 -11.24
N GLU A 86 -3.84 15.24 -10.54
CA GLU A 86 -3.83 16.58 -11.14
C GLU A 86 -2.81 16.63 -12.28
N LEU A 87 -1.63 16.08 -12.06
CA LEU A 87 -0.52 16.19 -13.03
C LEU A 87 -0.94 15.57 -14.37
N PHE A 88 -1.65 14.44 -14.33
CA PHE A 88 -1.91 13.62 -15.53
C PHE A 88 -3.37 13.72 -15.98
N ARG A 89 -4.18 14.55 -15.34
CA ARG A 89 -5.64 14.55 -15.59
C ARG A 89 -5.96 14.72 -17.10
N ASP A 90 -5.30 15.62 -17.80
CA ASP A 90 -5.67 15.93 -19.21
C ASP A 90 -4.55 15.42 -20.13
N GLY A 91 -3.70 14.49 -19.67
CA GLY A 91 -2.74 13.80 -20.57
C GLY A 91 -1.38 13.50 -19.94
N VAL A 92 -0.61 12.67 -20.64
CA VAL A 92 0.77 12.25 -20.31
C VAL A 92 1.73 12.82 -21.36
N ASN A 93 2.83 13.43 -20.93
CA ASN A 93 4.00 13.75 -21.76
C ASN A 93 5.24 13.46 -20.91
N TRP A 94 6.42 13.57 -21.52
CA TRP A 94 7.67 13.23 -20.80
C TRP A 94 7.92 14.23 -19.66
N GLY A 95 7.54 15.49 -19.85
CA GLY A 95 7.76 16.49 -18.81
C GLY A 95 7.06 16.08 -17.53
N ARG A 96 5.83 15.63 -17.65
CA ARG A 96 5.00 15.25 -16.50
C ARG A 96 5.55 13.96 -15.88
N ILE A 97 6.08 13.06 -16.70
CA ILE A 97 6.74 11.83 -16.21
C ILE A 97 7.97 12.22 -15.38
N VAL A 98 8.82 13.11 -15.84
CA VAL A 98 9.99 13.53 -15.01
C VAL A 98 9.48 14.17 -13.71
N ALA A 99 8.47 15.00 -13.83
CA ALA A 99 7.89 15.72 -12.68
C ALA A 99 7.28 14.73 -11.69
N PHE A 100 6.71 13.64 -12.17
CA PHE A 100 6.18 12.55 -11.33
C PHE A 100 7.31 11.94 -10.47
N PHE A 101 8.44 11.57 -11.09
CA PHE A 101 9.62 10.98 -10.41
C PHE A 101 10.13 12.00 -9.40
N GLU A 102 10.25 13.27 -9.77
CA GLU A 102 10.81 14.33 -8.88
C GLU A 102 9.85 14.63 -7.75
N PHE A 103 8.55 14.63 -7.99
CA PHE A 103 7.56 14.86 -6.91
C PHE A 103 7.58 13.66 -5.94
N GLY A 104 7.61 12.42 -6.43
CA GLY A 104 7.80 11.23 -5.57
C GLY A 104 9.06 11.28 -4.74
N GLY A 105 10.16 11.70 -5.38
CA GLY A 105 11.48 11.90 -4.73
C GLY A 105 11.43 12.89 -3.62
N VAL A 106 10.81 14.02 -3.88
CA VAL A 106 10.64 15.12 -2.90
C VAL A 106 9.74 14.65 -1.75
N MET A 107 8.69 13.90 -2.01
CA MET A 107 7.86 13.38 -0.90
C MET A 107 8.71 12.44 -0.01
N CYS A 108 9.57 11.61 -0.60
CA CYS A 108 10.48 10.71 0.16
C CYS A 108 11.47 11.51 1.05
N VAL A 109 12.07 12.54 0.51
CA VAL A 109 13.04 13.43 1.21
C VAL A 109 12.30 14.11 2.37
N GLU A 110 11.13 14.66 2.09
CA GLU A 110 10.29 15.30 3.11
C GLU A 110 9.91 14.25 4.17
N SER A 111 9.63 13.01 3.78
CA SER A 111 9.20 11.97 4.76
C SER A 111 10.38 11.70 5.74
N VAL A 112 11.58 11.52 5.20
CA VAL A 112 12.77 11.24 6.03
C VAL A 112 13.03 12.44 6.93
N ASN A 113 12.97 13.66 6.40
CA ASN A 113 13.18 14.93 7.14
C ASN A 113 12.24 15.06 8.33
N ARG A 114 11.05 14.47 8.26
CA ARG A 114 10.04 14.63 9.32
C ARG A 114 9.99 13.37 10.19
N GLU A 115 10.97 12.46 10.07
CA GLU A 115 11.05 11.20 10.88
C GLU A 115 9.86 10.32 10.53
N MET A 116 9.51 10.26 9.24
CA MET A 116 8.45 9.39 8.67
C MET A 116 9.07 8.52 7.57
N SER A 117 10.28 8.04 7.81
CA SER A 117 11.08 7.32 6.80
C SER A 117 10.31 6.05 6.35
N VAL A 118 9.39 5.54 7.15
CA VAL A 118 8.59 4.36 6.68
C VAL A 118 7.71 4.76 5.51
N LEU A 119 7.42 6.03 5.27
CA LEU A 119 6.67 6.40 4.07
C LEU A 119 7.50 6.13 2.82
N VAL A 120 8.83 6.05 2.90
CA VAL A 120 9.63 5.95 1.66
C VAL A 120 9.18 4.69 0.91
N ASP A 121 9.08 3.55 1.58
CA ASP A 121 8.72 2.28 0.90
C ASP A 121 7.28 2.36 0.37
N ASN A 122 6.42 3.04 1.11
CA ASN A 122 4.99 3.23 0.75
C ASN A 122 4.94 4.05 -0.53
N ILE A 123 5.62 5.21 -0.58
CA ILE A 123 5.69 6.08 -1.79
C ILE A 123 6.27 5.30 -2.97
N ALA A 124 7.28 4.47 -2.74
CA ALA A 124 7.88 3.70 -3.85
C ALA A 124 6.82 2.77 -4.42
N ALA A 125 6.02 2.13 -3.56
CA ALA A 125 4.94 1.23 -3.98
C ALA A 125 3.92 2.04 -4.81
N TRP A 126 3.49 3.19 -4.34
CA TRP A 126 2.44 3.99 -5.04
C TRP A 126 2.96 4.40 -6.43
N MET A 127 4.25 4.75 -6.53
CA MET A 127 4.89 5.21 -7.79
C MET A 127 4.94 4.01 -8.74
N ALA A 128 5.35 2.84 -8.23
CA ALA A 128 5.46 1.62 -9.08
C ALA A 128 4.06 1.26 -9.60
N THR A 129 3.04 1.35 -8.78
CA THR A 129 1.65 1.01 -9.20
C THR A 129 1.17 2.02 -10.25
N TYR A 130 1.45 3.30 -10.00
CA TYR A 130 1.03 4.34 -10.93
C TYR A 130 1.69 4.10 -12.30
N LEU A 131 2.99 3.85 -12.32
CA LEU A 131 3.70 3.58 -13.59
C LEU A 131 3.06 2.37 -14.26
N ASN A 132 2.87 1.28 -13.53
CA ASN A 132 2.41 -0.01 -14.13
C ASN A 132 1.01 0.20 -14.69
N ASP A 133 0.16 0.97 -14.04
CA ASP A 133 -1.29 0.96 -14.33
C ASP A 133 -1.68 2.18 -15.16
N HIS A 134 -0.94 3.29 -15.16
CA HIS A 134 -1.43 4.53 -15.82
C HIS A 134 -0.39 5.12 -16.79
N LEU A 135 0.89 4.75 -16.73
CA LEU A 135 1.92 5.42 -17.56
C LEU A 135 2.54 4.43 -18.55
N HIS A 136 2.47 3.13 -18.25
CA HIS A 136 3.13 2.06 -19.04
C HIS A 136 2.65 2.12 -20.49
N THR A 137 1.35 2.22 -20.70
CA THR A 137 0.75 2.19 -22.06
C THR A 137 1.27 3.40 -22.83
N TRP A 138 1.24 4.60 -22.24
CA TRP A 138 1.73 5.79 -22.96
C TRP A 138 3.21 5.58 -23.27
N ILE A 139 4.01 5.11 -22.33
CA ILE A 139 5.48 5.02 -22.57
C ILE A 139 5.69 4.08 -23.78
N GLN A 140 5.05 2.92 -23.76
CA GLN A 140 5.20 1.89 -24.83
C GLN A 140 4.72 2.43 -26.18
N ASP A 141 3.69 3.28 -26.22
CA ASP A 141 3.11 3.80 -27.46
C ASP A 141 3.91 5.01 -27.98
N ASN A 142 4.89 5.50 -27.22
CA ASN A 142 5.62 6.73 -27.58
C ASN A 142 7.12 6.49 -27.61
N GLY A 143 7.53 5.29 -28.02
CA GLY A 143 8.94 4.97 -28.34
C GLY A 143 9.70 4.45 -27.15
N GLY A 144 9.03 4.24 -26.02
CA GLY A 144 9.65 3.68 -24.81
C GLY A 144 10.67 4.63 -24.21
N TRP A 145 11.39 4.17 -23.20
CA TRP A 145 12.39 4.95 -22.46
C TRP A 145 13.48 5.41 -23.44
N ASP A 146 13.68 4.68 -24.54
CA ASP A 146 14.67 5.09 -25.57
C ASP A 146 14.27 6.45 -26.15
N ALA A 147 12.98 6.70 -26.42
CA ALA A 147 12.60 8.03 -26.93
C ALA A 147 12.94 9.08 -25.87
N PHE A 148 12.72 8.79 -24.57
CA PHE A 148 13.03 9.73 -23.48
C PHE A 148 14.51 10.09 -23.55
N VAL A 149 15.36 9.08 -23.66
CA VAL A 149 16.84 9.28 -23.65
C VAL A 149 17.25 10.11 -24.88
N GLU A 150 16.69 9.81 -26.05
CA GLU A 150 17.08 10.61 -27.24
C GLU A 150 16.68 12.06 -27.00
N LEU A 151 15.49 12.30 -26.50
CA LEU A 151 14.95 13.66 -26.40
C LEU A 151 15.64 14.49 -25.32
N TYR A 152 15.91 13.94 -24.14
CA TYR A 152 16.32 14.70 -22.94
C TYR A 152 17.81 14.44 -22.65
N GLY A 153 18.45 13.49 -23.32
CA GLY A 153 19.78 12.93 -22.96
C GLY A 153 20.91 13.59 -23.73
N MET B 1 -13.83 -7.00 -6.26
CA MET B 1 -13.42 -7.92 -5.15
C MET B 1 -14.62 -8.13 -4.20
N ASP B 2 -15.13 -9.37 -4.11
CA ASP B 2 -16.22 -9.77 -3.17
C ASP B 2 -15.63 -10.06 -1.78
N ASN B 3 -16.15 -9.38 -0.76
CA ASN B 3 -15.62 -9.43 0.62
C ASN B 3 -15.96 -10.78 1.27
N ARG B 4 -17.15 -11.31 1.08
CA ARG B 4 -17.51 -12.68 1.50
C ARG B 4 -16.42 -13.67 1.01
N GLU B 5 -16.06 -13.62 -0.27
CA GLU B 5 -15.12 -14.59 -0.89
C GLU B 5 -13.72 -14.42 -0.30
N ILE B 6 -13.26 -13.19 -0.07
CA ILE B 6 -11.92 -12.97 0.57
C ILE B 6 -11.96 -13.59 1.96
N VAL B 7 -13.05 -13.41 2.69
CA VAL B 7 -13.18 -14.01 4.06
C VAL B 7 -13.17 -15.53 3.96
N MET B 8 -14.03 -16.09 3.14
CA MET B 8 -14.23 -17.56 3.04
C MET B 8 -12.90 -18.20 2.64
N LYS B 9 -12.22 -17.63 1.65
CA LYS B 9 -10.93 -18.22 1.19
C LYS B 9 -9.86 -18.15 2.28
N TYR B 10 -9.82 -17.04 3.04
CA TYR B 10 -8.82 -16.91 4.13
C TYR B 10 -9.10 -17.98 5.20
N ILE B 11 -10.34 -18.09 5.64
CA ILE B 11 -10.71 -19.03 6.73
C ILE B 11 -10.44 -20.48 6.25
N SER B 12 -10.91 -20.80 5.05
CA SER B 12 -10.75 -22.15 4.45
C SER B 12 -9.28 -22.51 4.50
N TYR B 13 -8.43 -21.56 4.14
CA TYR B 13 -6.96 -21.78 4.18
C TYR B 13 -6.46 -21.97 5.63
N LYS B 14 -6.84 -21.14 6.60
CA LYS B 14 -6.32 -21.32 7.99
C LYS B 14 -6.75 -22.72 8.48
N LEU B 15 -7.94 -23.16 8.14
CA LEU B 15 -8.44 -24.47 8.63
C LEU B 15 -7.73 -25.63 7.89
N SER B 16 -7.50 -25.53 6.58
CA SER B 16 -6.76 -26.56 5.77
C SER B 16 -5.32 -26.74 6.29
N GLN B 17 -4.68 -25.67 6.77
CA GLN B 17 -3.31 -25.77 7.35
C GLN B 17 -3.32 -26.64 8.61
N ARG B 18 -4.47 -26.84 9.27
CA ARG B 18 -4.54 -27.64 10.51
C ARG B 18 -5.10 -29.04 10.19
N GLY B 19 -5.46 -29.30 8.92
CA GLY B 19 -6.04 -30.58 8.49
C GLY B 19 -7.55 -30.58 8.54
N TYR B 20 -8.19 -29.42 8.65
CA TYR B 20 -9.66 -29.34 8.80
C TYR B 20 -10.24 -28.78 7.53
N GLU B 21 -11.18 -29.53 6.93
CA GLU B 21 -11.86 -29.18 5.66
C GLU B 21 -13.10 -28.33 5.95
N TRP B 22 -13.12 -27.10 5.45
CA TRP B 22 -14.34 -26.25 5.51
C TRP B 22 -14.47 -25.53 4.17
N ASP B 23 -15.66 -25.60 3.55
CA ASP B 23 -16.10 -24.90 2.30
C ASP B 23 -14.93 -24.75 1.31
N GLU B 39 -4.84 -12.56 -10.49
CA GLU B 39 -5.80 -11.43 -10.67
C GLU B 39 -6.47 -11.20 -9.30
N SER B 40 -7.74 -11.58 -9.10
CA SER B 40 -8.32 -11.79 -7.75
C SER B 40 -7.47 -12.85 -7.02
N GLU B 41 -6.92 -13.84 -7.75
CA GLU B 41 -6.09 -14.91 -7.13
C GLU B 41 -4.84 -14.30 -6.46
N VAL B 42 -4.24 -13.25 -7.03
CA VAL B 42 -3.01 -12.62 -6.46
C VAL B 42 -3.37 -11.99 -5.09
N VAL B 43 -4.56 -11.40 -4.95
CA VAL B 43 -5.02 -10.79 -3.68
C VAL B 43 -5.09 -11.92 -2.64
N HIS B 44 -5.83 -12.99 -2.91
CA HIS B 44 -5.99 -14.11 -1.93
C HIS B 44 -4.62 -14.67 -1.53
N GLN B 45 -3.75 -14.84 -2.53
CA GLN B 45 -2.42 -15.45 -2.34
C GLN B 45 -1.55 -14.51 -1.48
N THR B 46 -1.53 -13.22 -1.78
CA THR B 46 -0.74 -12.22 -1.02
C THR B 46 -1.28 -12.13 0.41
N LEU B 47 -2.59 -12.12 0.58
CA LEU B 47 -3.16 -12.07 1.95
C LEU B 47 -2.76 -13.33 2.74
N ARG B 48 -2.82 -14.54 2.14
CA ARG B 48 -2.40 -15.81 2.82
C ARG B 48 -0.94 -15.65 3.28
N GLN B 49 -0.08 -15.12 2.43
CA GLN B 49 1.38 -15.10 2.70
C GLN B 49 1.66 -14.08 3.80
N ALA B 50 1.00 -12.91 3.75
CA ALA B 50 1.20 -11.86 4.76
C ALA B 50 0.69 -12.37 6.12
N GLY B 51 -0.46 -13.01 6.17
CA GLY B 51 -0.99 -13.50 7.45
C GLY B 51 -0.09 -14.58 8.04
N ASP B 52 0.40 -15.51 7.20
CA ASP B 52 1.37 -16.55 7.64
C ASP B 52 2.62 -15.86 8.20
N ASP B 53 3.12 -14.86 7.49
CA ASP B 53 4.31 -14.07 7.93
C ASP B 53 3.98 -13.42 9.27
N PHE B 54 2.80 -12.79 9.37
CA PHE B 54 2.45 -11.99 10.56
C PHE B 54 2.36 -12.93 11.76
N SER B 55 1.82 -14.13 11.60
CA SER B 55 1.57 -15.03 12.76
C SER B 55 2.93 -15.43 13.39
N LEU B 56 4.01 -15.49 12.62
CA LEU B 56 5.39 -15.76 13.11
C LEU B 56 5.98 -14.48 13.73
N ARG B 57 6.07 -13.39 12.97
CA ARG B 57 6.75 -12.14 13.37
C ARG B 57 6.01 -11.45 14.52
N TYR B 58 4.68 -11.51 14.60
CA TYR B 58 3.94 -10.63 15.54
C TYR B 58 3.16 -11.48 16.53
N ARG B 59 3.75 -12.60 16.87
CA ARG B 59 3.29 -13.57 17.89
C ARG B 59 2.86 -12.82 19.15
N ARG B 60 3.66 -11.89 19.64
CA ARG B 60 3.32 -11.16 20.89
C ARG B 60 2.00 -10.40 20.71
N ASP B 61 1.83 -9.62 19.64
CA ASP B 61 0.59 -8.84 19.49
C ASP B 61 -0.60 -9.80 19.36
N PHE B 62 -0.48 -10.91 18.63
CA PHE B 62 -1.63 -11.85 18.49
C PHE B 62 -1.97 -12.53 19.83
N ALA B 63 -0.96 -12.90 20.63
CA ALA B 63 -1.15 -13.50 21.98
C ALA B 63 -1.93 -12.53 22.87
N GLU B 64 -1.60 -11.23 22.90
CA GLU B 64 -2.39 -10.19 23.64
C GLU B 64 -3.84 -10.10 23.14
N MET B 65 -4.07 -10.16 21.82
CA MET B 65 -5.42 -10.11 21.24
C MET B 65 -6.24 -11.33 21.67
N SER B 66 -5.67 -12.52 21.61
CA SER B 66 -6.40 -13.78 21.88
C SER B 66 -6.35 -14.13 23.38
N SER B 67 -5.77 -13.30 24.24
CA SER B 67 -5.73 -13.56 25.70
C SER B 67 -7.12 -13.17 26.26
N GLN B 68 -7.63 -13.86 27.25
CA GLN B 68 -8.95 -13.48 27.84
C GLN B 68 -10.06 -13.60 26.75
N LEU B 69 -10.02 -14.67 25.94
CA LEU B 69 -11.05 -14.91 24.89
C LEU B 69 -12.11 -15.84 25.49
N HIS B 70 -11.69 -16.99 26.01
CA HIS B 70 -12.58 -18.02 26.64
C HIS B 70 -13.80 -18.23 25.72
N LEU B 71 -13.53 -18.67 24.50
CA LEU B 71 -14.46 -18.83 23.38
C LEU B 71 -15.60 -19.78 23.76
N THR B 72 -16.84 -19.28 23.78
CA THR B 72 -18.06 -20.12 23.82
C THR B 72 -19.02 -19.55 22.79
N PRO B 73 -20.03 -20.31 22.37
CA PRO B 73 -20.97 -19.78 21.39
C PRO B 73 -21.68 -18.48 21.83
N GLY B 74 -21.91 -18.34 23.12
CA GLY B 74 -22.64 -17.21 23.72
C GLY B 74 -21.80 -15.96 23.91
N THR B 75 -20.46 -16.07 23.96
CA THR B 75 -19.56 -14.93 24.22
C THR B 75 -18.76 -14.57 22.96
N ALA B 76 -18.84 -15.39 21.91
CA ALA B 76 -17.98 -15.26 20.74
C ALA B 76 -18.22 -13.91 20.06
N TYR B 77 -19.47 -13.53 19.83
CA TYR B 77 -19.78 -12.30 19.09
C TYR B 77 -19.07 -11.12 19.78
N ALA B 78 -19.23 -11.03 21.09
CA ALA B 78 -18.70 -9.94 21.92
C ALA B 78 -17.18 -10.03 21.93
N SER B 79 -16.60 -11.21 21.96
CA SER B 79 -15.13 -11.36 21.96
C SER B 79 -14.61 -10.80 20.64
N PHE B 80 -15.26 -11.14 19.54
CA PHE B 80 -14.78 -10.71 18.21
C PHE B 80 -14.93 -9.19 18.13
N ALA B 81 -16.10 -8.66 18.47
CA ALA B 81 -16.41 -7.20 18.38
C ALA B 81 -15.40 -6.43 19.24
N THR B 82 -15.06 -6.92 20.43
CA THR B 82 -14.17 -6.22 21.38
C THR B 82 -12.76 -6.11 20.78
N VAL B 83 -12.24 -7.18 20.21
CA VAL B 83 -10.85 -7.21 19.66
C VAL B 83 -10.81 -6.37 18.41
N VAL B 84 -11.81 -6.44 17.54
CA VAL B 84 -11.76 -5.73 16.25
C VAL B 84 -12.00 -4.23 16.50
N GLU B 85 -12.89 -3.87 17.43
CA GLU B 85 -13.05 -2.46 17.82
C GLU B 85 -11.72 -1.92 18.35
N GLU B 86 -11.03 -2.67 19.20
CA GLU B 86 -9.74 -2.22 19.73
C GLU B 86 -8.76 -2.01 18.56
N LEU B 87 -8.71 -2.96 17.64
CA LEU B 87 -7.69 -2.95 16.58
C LEU B 87 -7.83 -1.69 15.74
N PHE B 88 -9.06 -1.24 15.48
CA PHE B 88 -9.33 -0.19 14.48
C PHE B 88 -9.78 1.12 15.15
N ARG B 89 -9.79 1.18 16.47
CA ARG B 89 -10.37 2.33 17.20
C ARG B 89 -9.78 3.68 16.71
N ASP B 90 -8.47 3.79 16.53
CA ASP B 90 -7.83 5.08 16.21
C ASP B 90 -7.30 5.02 14.78
N GLY B 91 -7.81 4.12 13.93
CA GLY B 91 -7.50 4.14 12.47
C GLY B 91 -7.36 2.76 11.83
N VAL B 92 -7.36 2.78 10.49
CA VAL B 92 -7.18 1.62 9.60
C VAL B 92 -5.84 1.77 8.86
N ASN B 93 -5.04 0.72 8.83
CA ASN B 93 -3.89 0.57 7.91
C ASN B 93 -3.87 -0.89 7.44
N TRP B 94 -2.98 -1.20 6.50
CA TRP B 94 -2.94 -2.57 5.94
C TRP B 94 -2.51 -3.59 7.00
N GLY B 95 -1.64 -3.20 7.92
CA GLY B 95 -1.16 -4.13 8.93
C GLY B 95 -2.33 -4.62 9.77
N ARG B 96 -3.21 -3.71 10.15
CA ARG B 96 -4.37 -4.02 10.99
C ARG B 96 -5.38 -4.85 10.19
N ILE B 97 -5.49 -4.60 8.88
CA ILE B 97 -6.34 -5.40 7.99
C ILE B 97 -5.80 -6.84 7.94
N VAL B 98 -4.50 -7.05 7.75
CA VAL B 98 -3.96 -8.44 7.77
C VAL B 98 -4.25 -9.07 9.14
N ALA B 99 -4.02 -8.32 10.19
CA ALA B 99 -4.20 -8.80 11.57
C ALA B 99 -5.68 -9.14 11.83
N PHE B 100 -6.60 -8.41 11.22
CA PHE B 100 -8.05 -8.69 11.30
C PHE B 100 -8.34 -10.10 10.69
N PHE B 101 -7.82 -10.38 9.48
CA PHE B 101 -8.02 -11.67 8.78
C PHE B 101 -7.40 -12.76 9.63
N GLU B 102 -6.20 -12.55 10.17
CA GLU B 102 -5.48 -13.58 10.95
C GLU B 102 -6.16 -13.80 12.30
N PHE B 103 -6.69 -12.75 12.92
CA PHE B 103 -7.40 -12.90 14.20
C PHE B 103 -8.72 -13.65 13.96
N GLY B 104 -9.48 -13.31 12.90
CA GLY B 104 -10.66 -14.07 12.50
C GLY B 104 -10.36 -15.54 12.22
N GLY B 105 -9.28 -15.79 11.51
CA GLY B 105 -8.75 -17.15 11.21
C GLY B 105 -8.47 -17.93 12.45
N VAL B 106 -7.78 -17.33 13.38
CA VAL B 106 -7.39 -17.95 14.66
C VAL B 106 -8.65 -18.21 15.49
N MET B 107 -9.63 -17.32 15.50
CA MET B 107 -10.87 -17.61 16.23
C MET B 107 -11.57 -18.84 15.59
N CYS B 108 -11.57 -18.98 14.27
CA CYS B 108 -12.14 -20.16 13.57
C CYS B 108 -11.41 -21.46 13.96
N VAL B 109 -10.10 -21.44 14.00
CA VAL B 109 -9.24 -22.61 14.35
C VAL B 109 -9.54 -23.00 15.80
N GLU B 110 -9.56 -22.01 16.70
CA GLU B 110 -9.91 -22.21 18.11
C GLU B 110 -11.33 -22.77 18.20
N SER B 111 -12.26 -22.30 17.39
CA SER B 111 -13.68 -22.76 17.48
C SER B 111 -13.73 -24.27 17.16
N VAL B 112 -13.07 -24.65 16.06
CA VAL B 112 -13.06 -26.05 15.61
C VAL B 112 -12.37 -26.90 16.69
N ASN B 113 -11.24 -26.44 17.22
CA ASN B 113 -10.44 -27.14 18.25
C ASN B 113 -11.28 -27.43 19.51
N ARG B 114 -12.26 -26.58 19.84
CA ARG B 114 -13.02 -26.83 21.07
C ARG B 114 -14.42 -27.36 20.74
N GLU B 115 -14.61 -27.91 19.55
CA GLU B 115 -15.87 -28.57 19.11
C GLU B 115 -17.01 -27.53 19.08
N MET B 116 -16.68 -26.35 18.54
CA MET B 116 -17.64 -25.23 18.33
C MET B 116 -17.56 -24.81 16.85
N SER B 117 -17.46 -25.79 15.96
CA SER B 117 -17.24 -25.54 14.51
C SER B 117 -18.40 -24.72 13.95
N VAL B 118 -19.56 -24.74 14.60
CA VAL B 118 -20.74 -23.88 14.29
C VAL B 118 -20.31 -22.40 14.25
N LEU B 119 -19.35 -22.01 15.08
CA LEU B 119 -18.91 -20.60 15.13
C LEU B 119 -18.23 -20.22 13.82
N VAL B 120 -17.69 -21.16 13.04
CA VAL B 120 -16.88 -20.75 11.87
C VAL B 120 -17.76 -19.90 10.94
N ASP B 121 -18.97 -20.34 10.62
CA ASP B 121 -19.85 -19.61 9.67
C ASP B 121 -20.27 -18.26 10.31
N ASN B 122 -20.46 -18.25 11.62
CA ASN B 122 -20.84 -17.05 12.38
C ASN B 122 -19.67 -16.03 12.26
N ILE B 123 -18.45 -16.45 12.54
CA ILE B 123 -17.24 -15.57 12.44
C ILE B 123 -17.11 -15.07 11.01
N ALA B 124 -17.35 -15.92 10.01
CA ALA B 124 -17.21 -15.49 8.60
C ALA B 124 -18.20 -14.35 8.33
N ALA B 125 -19.43 -14.48 8.84
CA ALA B 125 -20.46 -13.45 8.71
C ALA B 125 -19.99 -12.16 9.38
N TRP B 126 -19.50 -12.22 10.61
CA TRP B 126 -19.06 -10.99 11.35
C TRP B 126 -17.93 -10.29 10.57
N MET B 127 -17.00 -11.07 9.99
CA MET B 127 -15.83 -10.54 9.26
C MET B 127 -16.33 -9.87 7.98
N ALA B 128 -17.26 -10.54 7.25
CA ALA B 128 -17.81 -9.99 6.00
C ALA B 128 -18.54 -8.68 6.30
N THR B 129 -19.32 -8.61 7.38
CA THR B 129 -20.07 -7.38 7.72
C THR B 129 -19.07 -6.29 8.10
N TYR B 130 -18.05 -6.65 8.89
CA TYR B 130 -17.05 -5.65 9.31
C TYR B 130 -16.35 -5.06 8.07
N LEU B 131 -15.93 -5.89 7.14
CA LEU B 131 -15.28 -5.42 5.91
C LEU B 131 -16.24 -4.50 5.17
N ASN B 132 -17.48 -4.94 4.97
CA ASN B 132 -18.47 -4.21 4.12
C ASN B 132 -18.74 -2.85 4.77
N ASP B 133 -18.80 -2.77 6.08
CA ASP B 133 -19.37 -1.59 6.77
C ASP B 133 -18.27 -0.70 7.35
N HIS B 134 -17.04 -1.19 7.60
CA HIS B 134 -16.04 -0.37 8.33
C HIS B 134 -14.69 -0.31 7.60
N LEU B 135 -14.39 -1.21 6.66
CA LEU B 135 -13.04 -1.27 6.04
C LEU B 135 -13.12 -0.95 4.54
N HIS B 136 -14.27 -1.13 3.92
CA HIS B 136 -14.47 -0.99 2.45
C HIS B 136 -14.07 0.43 2.02
N THR B 137 -14.53 1.44 2.74
CA THR B 137 -14.28 2.86 2.37
C THR B 137 -12.77 3.10 2.43
N TRP B 138 -12.09 2.69 3.52
CA TRP B 138 -10.65 2.93 3.60
C TRP B 138 -9.97 2.17 2.45
N ILE B 139 -10.34 0.92 2.18
CA ILE B 139 -9.63 0.15 1.13
C ILE B 139 -9.76 0.91 -0.20
N GLN B 140 -10.98 1.31 -0.55
CA GLN B 140 -11.26 2.00 -1.84
C GLN B 140 -10.52 3.34 -1.92
N ASP B 141 -10.33 4.05 -0.81
CA ASP B 141 -9.69 5.37 -0.79
C ASP B 141 -8.16 5.23 -0.75
N ASN B 142 -7.62 4.02 -0.66
CA ASN B 142 -6.17 3.83 -0.47
C ASN B 142 -5.61 2.85 -1.50
N GLY B 143 -6.19 2.87 -2.72
CA GLY B 143 -5.64 2.19 -3.89
C GLY B 143 -6.17 0.78 -4.05
N GLY B 144 -7.12 0.37 -3.21
CA GLY B 144 -7.76 -0.95 -3.28
C GLY B 144 -6.78 -2.06 -2.97
N TRP B 145 -7.20 -3.30 -3.17
CA TRP B 145 -6.42 -4.51 -2.87
C TRP B 145 -5.15 -4.49 -3.72
N ASP B 146 -5.16 -3.81 -4.85
CA ASP B 146 -3.95 -3.68 -5.71
C ASP B 146 -2.85 -2.97 -4.92
N ALA B 147 -3.16 -1.92 -4.15
CA ALA B 147 -2.10 -1.25 -3.35
C ALA B 147 -1.54 -2.28 -2.34
N PHE B 148 -2.41 -3.11 -1.73
CA PHE B 148 -1.98 -4.14 -0.76
C PHE B 148 -0.97 -5.08 -1.43
N VAL B 149 -1.30 -5.54 -2.62
CA VAL B 149 -0.45 -6.51 -3.36
C VAL B 149 0.89 -5.85 -3.72
N GLU B 150 0.88 -4.61 -4.18
CA GLU B 150 2.17 -3.97 -4.51
C GLU B 150 3.00 -3.90 -3.23
N LEU B 151 2.40 -3.47 -2.13
CA LEU B 151 3.18 -3.17 -0.91
C LEU B 151 3.69 -4.44 -0.22
N TYR B 152 2.90 -5.50 -0.13
CA TYR B 152 3.19 -6.67 0.73
C TYR B 152 3.58 -7.87 -0.14
N GLY B 153 3.44 -7.78 -1.47
CA GLY B 153 3.54 -8.92 -2.42
C GLY B 153 4.97 -9.31 -2.83
C ALA C 1 -2.21 19.83 -23.30
N PRO C 2 -3.26 20.36 -22.61
CA PRO C 2 -3.23 21.72 -22.13
C PRO C 2 -1.91 22.00 -21.41
N ILE C 3 -1.31 23.13 -21.74
CA ILE C 3 -0.08 23.66 -21.12
C ILE C 3 -0.48 24.17 -19.74
N ARG C 4 -0.18 23.41 -18.66
CA ARG C 4 -0.45 23.82 -17.26
C ARG C 4 0.84 23.96 -16.46
N TYR C 5 1.96 23.40 -16.92
CA TYR C 5 3.25 23.41 -16.24
C TYR C 5 4.29 23.87 -17.24
N GLU C 6 5.36 24.49 -16.78
CA GLU C 6 6.44 24.97 -17.67
C GLU C 6 7.07 23.77 -18.40
N TRP C 7 7.13 22.58 -17.82
CA TRP C 7 7.74 21.39 -18.50
C TRP C 7 6.84 20.91 -19.64
N ASP C 8 5.59 21.37 -19.74
CA ASP C 8 4.68 20.98 -20.83
C ASP C 8 5.12 21.64 -22.13
N GLU C 9 5.83 22.78 -22.07
CA GLU C 9 6.14 23.63 -23.26
C GLU C 9 7.06 22.93 -24.26
N PHE C 10 7.99 22.12 -23.79
CA PHE C 10 8.92 21.38 -24.68
C PHE C 10 8.16 20.23 -25.40
N CYS C 11 7.06 19.77 -24.85
CA CYS C 11 6.17 18.71 -25.42
C CYS C 11 4.97 19.35 -26.21
C ALA D 1 -1.46 5.89 14.53
N PRO D 2 -1.86 6.04 15.82
CA PRO D 2 -0.99 5.69 16.93
C PRO D 2 -0.44 4.28 16.73
N ILE D 3 0.85 4.16 16.91
CA ILE D 3 1.58 2.89 16.82
C ILE D 3 1.27 2.10 18.11
N ARG D 4 0.39 1.08 18.01
CA ARG D 4 0.01 0.22 19.16
C ARG D 4 0.38 -1.24 18.88
N TYR D 5 0.67 -1.61 17.63
CA TYR D 5 1.01 -2.99 17.24
C TYR D 5 2.28 -2.93 16.42
N GLU D 6 3.07 -4.00 16.44
CA GLU D 6 4.32 -4.04 15.65
C GLU D 6 4.01 -3.90 14.16
N TRP D 7 2.86 -4.38 13.67
CA TRP D 7 2.51 -4.27 12.22
C TRP D 7 2.18 -2.83 11.84
N ASP D 8 2.00 -1.93 12.81
CA ASP D 8 1.72 -0.51 12.53
C ASP D 8 3.00 0.18 12.03
N GLU D 9 4.20 -0.32 12.37
CA GLU D 9 5.50 0.36 12.13
C GLU D 9 5.77 0.54 10.62
N PHE D 10 5.38 -0.43 9.80
CA PHE D 10 5.59 -0.39 8.34
C PHE D 10 4.63 0.62 7.66
N CYS D 11 3.54 1.03 8.32
CA CYS D 11 2.47 1.89 7.72
C CYS D 11 2.55 3.45 7.93
#